data_1F0P
#
_entry.id   1F0P
#
_cell.length_a   73.210
_cell.length_b   73.210
_cell.length_c   92.544
_cell.angle_alpha   90.00
_cell.angle_beta   90.00
_cell.angle_gamma   120.00
#
_symmetry.space_group_name_H-M   'P 31 2 1'
#
loop_
_entity.id
_entity.type
_entity.pdbx_description
1 polymer 'ANTIGEN 85-B'
2 branched alpha-D-glucopyranose-(1-1)-alpha-D-glucopyranose
3 non-polymer (4S)-2-METHYL-2,4-PENTANEDIOL
4 non-polymer '2-(N-MORPHOLINO)-ETHANESULFONIC ACID'
5 water water
#
_entity_poly.entity_id   1
_entity_poly.type   'polypeptide(L)'
_entity_poly.pdbx_seq_one_letter_code
;FSRPGLPVEYLQVPSPSMGRDIKVQFQSGGNNSPAVYLLDGLRAQDDYNGWDINTPAFEWYYQSGLSIVMPVGGQSSFYS
DWYSPACGKAGCQTYKWETFLTSELPQWLSANRAVKPTGSAAIGLSMAGSSAMILAAYHPQQFIYAGSLSALLDPSQGMG
PSLIGLAMGDAGGYKAADMWGPSSDPAWERNDPTQQIPKLVANNTRLWVYCGNGTPNELGGANIPAEFLENFVRSSNLKF
QDAYNAAGGHNAVFNFPPNGTHSWEYWGAQLNAMKGDLQSSLGAG
;
_entity_poly.pdbx_strand_id   A
#
loop_
_chem_comp.id
_chem_comp.type
_chem_comp.name
_chem_comp.formula
GLC D-saccharide, alpha linking alpha-D-glucopyranose 'C6 H12 O6'
MES non-polymer '2-(N-MORPHOLINO)-ETHANESULFONIC ACID' 'C6 H13 N O4 S'
MPD non-polymer (4S)-2-METHYL-2,4-PENTANEDIOL 'C6 H14 O2'
#
# COMPACT_ATOMS: atom_id res chain seq x y z
N SER A 2 -12.26 3.31 21.58
CA SER A 2 -12.72 1.97 21.99
C SER A 2 -12.57 0.95 20.88
N ARG A 3 -12.43 -0.37 21.07
CA ARG A 3 -12.42 -1.02 19.73
C ARG A 3 -13.88 -1.18 19.29
N PRO A 4 -14.75 -1.94 19.92
CA PRO A 4 -16.16 -1.85 19.49
C PRO A 4 -16.74 -0.47 19.78
N GLY A 5 -17.75 -0.08 19.01
CA GLY A 5 -18.37 1.21 19.28
C GLY A 5 -17.77 2.34 18.47
N LEU A 6 -16.83 2.02 17.57
CA LEU A 6 -16.30 3.08 16.70
C LEU A 6 -17.19 3.19 15.47
N PRO A 7 -17.25 4.35 14.83
CA PRO A 7 -18.07 4.51 13.63
C PRO A 7 -17.39 3.93 12.39
N VAL A 8 -17.19 2.62 12.47
CA VAL A 8 -16.58 1.88 11.37
C VAL A 8 -17.62 1.24 10.47
N GLU A 9 -17.51 1.55 9.18
CA GLU A 9 -18.48 1.00 8.24
C GLU A 9 -17.89 -0.18 7.49
N TYR A 10 -18.78 -0.96 6.90
CA TYR A 10 -18.35 -2.04 6.01
C TYR A 10 -19.04 -1.76 4.71
N LEU A 11 -18.41 -0.91 3.89
CA LEU A 11 -19.03 -0.45 2.67
C LEU A 11 -18.92 -1.46 1.53
N GLN A 12 -19.87 -1.34 0.62
CA GLN A 12 -19.79 -2.12 -0.62
C GLN A 12 -19.81 -1.10 -1.75
N VAL A 13 -18.64 -0.92 -2.34
CA VAL A 13 -18.40 0.06 -3.38
C VAL A 13 -18.33 -0.64 -4.72
N PRO A 14 -19.31 -0.32 -5.55
CA PRO A 14 -19.32 -0.89 -6.91
C PRO A 14 -18.09 -0.43 -7.69
N SER A 15 -17.47 -1.38 -8.39
CA SER A 15 -16.40 -1.02 -9.30
C SER A 15 -16.84 -1.41 -10.72
N PRO A 16 -17.13 -0.39 -11.51
CA PRO A 16 -17.50 -0.63 -12.90
C PRO A 16 -16.40 -1.46 -13.56
N SER A 17 -15.15 -1.06 -13.33
CA SER A 17 -14.01 -1.64 -14.03
C SER A 17 -13.82 -3.10 -13.61
N MET A 18 -14.16 -3.45 -12.37
CA MET A 18 -13.87 -4.85 -12.05
C MET A 18 -15.13 -5.71 -12.08
N GLY A 19 -16.27 -5.07 -12.31
CA GLY A 19 -17.53 -5.76 -12.46
C GLY A 19 -18.07 -6.35 -11.19
N ARG A 20 -17.57 -5.87 -10.05
CA ARG A 20 -18.18 -6.33 -8.79
C ARG A 20 -18.17 -5.20 -7.76
N ASP A 21 -18.71 -5.53 -6.60
CA ASP A 21 -18.68 -4.66 -5.44
C ASP A 21 -17.39 -4.94 -4.66
N ILE A 22 -16.59 -3.90 -4.48
CA ILE A 22 -15.41 -4.00 -3.62
C ILE A 22 -15.77 -3.69 -2.19
N LYS A 23 -15.54 -4.62 -1.24
CA LYS A 23 -15.86 -4.20 0.12
C LYS A 23 -14.79 -3.24 0.62
N VAL A 24 -15.18 -2.22 1.38
CA VAL A 24 -14.25 -1.20 1.86
C VAL A 24 -14.54 -0.91 3.33
N GLN A 25 -13.57 -1.17 4.21
CA GLN A 25 -13.78 -0.83 5.63
C GLN A 25 -13.41 0.63 5.83
N PHE A 26 -14.27 1.34 6.56
CA PHE A 26 -14.23 2.78 6.49
C PHE A 26 -14.59 3.45 7.83
N GLN A 27 -13.85 4.50 8.11
CA GLN A 27 -14.12 5.34 9.28
C GLN A 27 -13.87 6.78 8.86
N SER A 28 -14.94 7.58 8.83
CA SER A 28 -14.75 8.97 8.41
C SER A 28 -14.00 9.80 9.44
N GLY A 29 -13.18 10.74 8.98
CA GLY A 29 -12.58 11.65 9.96
C GLY A 29 -13.46 12.91 9.99
N GLY A 30 -14.59 12.84 9.28
CA GLY A 30 -15.53 13.95 9.20
C GLY A 30 -15.70 14.52 7.80
N ASN A 31 -16.80 15.26 7.57
CA ASN A 31 -17.00 15.95 6.29
C ASN A 31 -15.75 16.70 5.84
N ASN A 32 -15.42 16.56 4.56
CA ASN A 32 -14.26 17.16 3.95
C ASN A 32 -12.96 16.75 4.63
N SER A 33 -12.92 15.64 5.36
CA SER A 33 -11.63 15.17 5.90
C SER A 33 -10.79 14.52 4.80
N PRO A 34 -9.48 14.66 4.92
CA PRO A 34 -8.52 13.99 4.03
C PRO A 34 -8.55 12.48 4.26
N ALA A 35 -8.25 11.68 3.24
CA ALA A 35 -8.25 10.24 3.40
C ALA A 35 -6.87 9.62 3.51
N VAL A 36 -6.81 8.53 4.26
CA VAL A 36 -5.65 7.67 4.37
C VAL A 36 -6.07 6.28 3.85
N TYR A 37 -5.56 5.91 2.68
CA TYR A 37 -5.85 4.61 2.11
C TYR A 37 -4.90 3.56 2.68
N LEU A 38 -5.36 2.58 3.44
CA LEU A 38 -4.44 1.60 4.00
C LEU A 38 -4.50 0.35 3.13
N LEU A 39 -3.45 0.14 2.35
CA LEU A 39 -3.44 -0.95 1.38
C LEU A 39 -2.84 -2.20 2.02
N ASP A 40 -3.44 -3.34 1.73
CA ASP A 40 -3.11 -4.60 2.38
C ASP A 40 -1.91 -5.28 1.76
N GLY A 41 -1.42 -6.34 2.40
CA GLY A 41 -0.22 -6.99 1.90
C GLY A 41 -0.52 -8.04 0.85
N LEU A 42 0.51 -8.73 0.39
CA LEU A 42 0.38 -9.73 -0.66
C LEU A 42 -0.77 -10.71 -0.46
N ARG A 43 -0.96 -11.23 0.74
CA ARG A 43 -2.00 -12.24 0.98
C ARG A 43 -3.35 -11.68 1.39
N ALA A 44 -3.69 -10.50 0.87
CA ALA A 44 -4.94 -9.82 1.19
C ALA A 44 -6.14 -10.75 1.11
N GLN A 45 -6.89 -10.91 2.20
CA GLN A 45 -8.12 -11.70 2.17
C GLN A 45 -9.31 -10.92 1.65
N ASP A 46 -10.39 -11.66 1.36
CA ASP A 46 -11.58 -11.07 0.77
C ASP A 46 -12.64 -10.72 1.80
N ASP A 47 -12.36 -10.97 3.08
CA ASP A 47 -13.34 -10.57 4.08
C ASP A 47 -12.92 -9.27 4.77
N TYR A 48 -11.71 -9.25 5.32
CA TYR A 48 -11.22 -8.07 6.02
C TYR A 48 -9.82 -7.70 5.58
N ASN A 49 -9.51 -6.42 5.48
CA ASN A 49 -8.15 -5.92 5.22
C ASN A 49 -7.26 -6.30 6.41
N GLY A 50 -6.01 -6.66 6.13
CA GLY A 50 -5.04 -7.07 7.13
C GLY A 50 -4.76 -6.02 8.19
N TRP A 51 -4.93 -4.74 7.82
CA TRP A 51 -4.73 -3.66 8.78
C TRP A 51 -5.80 -3.70 9.88
N ASP A 52 -7.01 -4.07 9.46
CA ASP A 52 -8.06 -4.18 10.49
C ASP A 52 -7.80 -5.44 11.31
N ILE A 53 -7.43 -6.53 10.65
CA ILE A 53 -7.26 -7.79 11.38
C ILE A 53 -6.17 -7.70 12.43
N ASN A 54 -5.04 -7.15 12.04
CA ASN A 54 -3.84 -7.18 12.86
C ASN A 54 -3.57 -5.94 13.67
N THR A 55 -4.31 -4.84 13.51
CA THR A 55 -3.99 -3.65 14.30
C THR A 55 -5.31 -3.03 14.81
N PRO A 56 -5.23 -2.12 15.76
CA PRO A 56 -6.32 -1.20 16.11
C PRO A 56 -6.26 0.12 15.34
N ALA A 57 -5.89 0.08 14.07
CA ALA A 57 -5.79 1.23 13.20
C ALA A 57 -6.98 2.19 13.32
N PHE A 58 -8.21 1.68 13.29
CA PHE A 58 -9.39 2.53 13.36
C PHE A 58 -9.44 3.30 14.67
N GLU A 59 -9.15 2.54 15.71
CA GLU A 59 -9.06 3.07 17.08
C GLU A 59 -8.01 4.16 17.16
N TRP A 60 -6.79 3.89 16.67
CA TRP A 60 -5.76 4.90 16.66
C TRP A 60 -6.14 6.15 15.89
N TYR A 61 -6.90 5.99 14.81
CA TYR A 61 -7.17 7.16 13.98
C TYR A 61 -8.54 7.76 14.22
N TYR A 62 -9.32 7.26 15.16
CA TYR A 62 -10.59 7.92 15.43
C TYR A 62 -10.38 9.31 16.03
N GLN A 63 -11.17 10.28 15.55
CA GLN A 63 -11.02 11.65 16.00
C GLN A 63 -9.66 12.21 15.64
N SER A 64 -8.96 11.65 14.66
CA SER A 64 -7.72 12.24 14.20
C SER A 64 -7.91 13.30 13.10
N GLY A 65 -9.13 13.46 12.61
CA GLY A 65 -9.41 14.33 11.48
C GLY A 65 -9.04 13.68 10.15
N LEU A 66 -8.72 12.39 10.18
CA LEU A 66 -8.36 11.65 8.97
C LEU A 66 -9.34 10.50 8.76
N SER A 67 -9.83 10.40 7.52
CA SER A 67 -10.70 9.28 7.16
C SER A 67 -9.85 8.04 6.92
N ILE A 68 -10.25 6.89 7.46
CA ILE A 68 -9.43 5.70 7.20
C ILE A 68 -10.12 4.84 6.15
N VAL A 69 -9.42 4.50 5.08
CA VAL A 69 -10.06 3.74 4.03
C VAL A 69 -9.33 2.42 3.81
N MET A 70 -10.00 1.29 4.05
CA MET A 70 -9.31 0.01 3.90
C MET A 70 -9.96 -0.83 2.81
N PRO A 71 -9.45 -0.79 1.59
CA PRO A 71 -10.06 -1.67 0.57
C PRO A 71 -9.86 -3.12 1.01
N VAL A 72 -10.81 -3.98 0.68
CA VAL A 72 -10.78 -5.41 0.99
C VAL A 72 -10.55 -6.23 -0.28
N GLY A 73 -9.63 -7.20 -0.24
CA GLY A 73 -9.39 -8.06 -1.37
C GLY A 73 -8.19 -7.69 -2.22
N GLY A 74 -8.12 -8.33 -3.39
CA GLY A 74 -7.02 -8.16 -4.31
C GLY A 74 -5.74 -8.81 -3.86
N GLN A 75 -5.81 -10.03 -3.34
CA GLN A 75 -4.56 -10.74 -3.02
C GLN A 75 -3.67 -10.80 -4.25
N SER A 76 -2.39 -10.50 -4.09
CA SER A 76 -1.40 -10.53 -5.16
C SER A 76 -1.64 -9.51 -6.24
N SER A 77 -2.54 -8.55 -6.09
CA SER A 77 -2.86 -7.62 -7.17
C SER A 77 -1.83 -6.54 -7.41
N PHE A 78 -1.03 -6.24 -6.41
CA PHE A 78 -0.16 -5.08 -6.37
C PHE A 78 -0.96 -3.80 -6.60
N TYR A 79 -2.22 -3.82 -6.22
CA TYR A 79 -3.18 -2.75 -6.42
C TYR A 79 -2.98 -2.06 -7.77
N SER A 80 -2.81 -2.91 -8.79
CA SER A 80 -2.61 -2.53 -10.17
C SER A 80 -3.82 -2.83 -11.05
N ASP A 81 -3.87 -2.17 -12.19
CA ASP A 81 -4.72 -2.53 -13.31
C ASP A 81 -4.05 -3.64 -14.12
N TRP A 82 -4.64 -4.84 -14.12
CA TRP A 82 -3.97 -5.97 -14.78
C TRP A 82 -4.27 -6.04 -16.27
N TYR A 83 -3.35 -6.58 -17.07
CA TYR A 83 -3.56 -6.78 -18.50
C TYR A 83 -4.71 -7.74 -18.79
N SER A 84 -4.68 -8.85 -18.07
CA SER A 84 -5.62 -9.95 -18.22
C SER A 84 -6.25 -10.33 -16.90
N PRO A 85 -7.32 -11.11 -16.95
CA PRO A 85 -7.96 -11.59 -15.73
C PRO A 85 -6.97 -12.18 -14.72
N ALA A 86 -7.27 -11.86 -13.46
CA ALA A 86 -6.48 -12.38 -12.35
C ALA A 86 -7.02 -13.76 -11.96
N CYS A 87 -6.39 -14.76 -12.54
CA CYS A 87 -6.66 -16.17 -12.36
C CYS A 87 -5.65 -16.83 -11.44
N GLY A 88 -6.14 -17.34 -10.32
CA GLY A 88 -5.34 -18.04 -9.35
C GLY A 88 -5.98 -19.36 -8.98
N LYS A 89 -5.53 -20.00 -7.90
CA LYS A 89 -6.06 -21.30 -7.49
C LYS A 89 -7.59 -21.30 -7.42
N ALA A 90 -8.17 -20.21 -6.94
CA ALA A 90 -9.59 -20.09 -6.65
C ALA A 90 -10.45 -19.74 -7.85
N GLY A 91 -9.86 -19.27 -8.94
CA GLY A 91 -10.63 -18.88 -10.12
C GLY A 91 -10.13 -17.55 -10.69
N CYS A 92 -10.91 -16.96 -11.60
CA CYS A 92 -10.52 -15.66 -12.13
C CYS A 92 -11.40 -14.55 -11.57
N GLN A 93 -10.73 -13.42 -11.34
CA GLN A 93 -11.30 -12.16 -10.94
C GLN A 93 -10.74 -11.06 -11.84
N THR A 94 -11.50 -10.00 -12.04
CA THR A 94 -10.96 -8.85 -12.75
C THR A 94 -10.19 -7.97 -11.78
N TYR A 95 -8.92 -7.70 -12.08
CA TYR A 95 -8.14 -6.80 -11.24
C TYR A 95 -7.90 -5.46 -11.93
N LYS A 96 -8.61 -4.43 -11.48
CA LYS A 96 -8.33 -3.08 -12.02
C LYS A 96 -8.25 -2.11 -10.85
N TRP A 97 -7.31 -2.44 -9.95
CA TRP A 97 -7.22 -1.69 -8.70
C TRP A 97 -6.73 -0.28 -8.84
N GLU A 98 -5.89 0.03 -9.83
CA GLU A 98 -5.50 1.44 -9.95
C GLU A 98 -6.71 2.28 -10.34
N THR A 99 -7.50 1.70 -11.25
CA THR A 99 -8.72 2.39 -11.68
C THR A 99 -9.64 2.60 -10.50
N PHE A 100 -9.86 1.54 -9.72
CA PHE A 100 -10.75 1.62 -8.57
C PHE A 100 -10.29 2.66 -7.55
N LEU A 101 -9.03 2.59 -7.16
CA LEU A 101 -8.50 3.41 -6.09
C LEU A 101 -8.37 4.88 -6.47
N THR A 102 -8.27 5.15 -7.76
CA THR A 102 -8.01 6.50 -8.22
C THR A 102 -9.20 7.14 -8.94
N SER A 103 -10.35 6.48 -9.01
CA SER A 103 -11.54 7.12 -9.55
C SER A 103 -12.81 6.59 -8.91
N GLU A 104 -13.12 5.31 -9.14
CA GLU A 104 -14.37 4.77 -8.62
C GLU A 104 -14.48 4.95 -7.12
N LEU A 105 -13.43 4.63 -6.36
CA LEU A 105 -13.54 4.71 -4.90
C LEU A 105 -13.58 6.16 -4.43
N PRO A 106 -12.65 7.02 -4.80
CA PRO A 106 -12.70 8.40 -4.29
C PRO A 106 -13.97 9.12 -4.70
N GLN A 107 -14.45 8.85 -5.91
CA GLN A 107 -15.69 9.50 -6.32
C GLN A 107 -16.84 8.98 -5.46
N TRP A 108 -16.89 7.67 -5.23
CA TRP A 108 -17.96 7.14 -4.39
C TRP A 108 -17.85 7.70 -2.98
N LEU A 109 -16.62 7.70 -2.45
CA LEU A 109 -16.46 8.21 -1.08
C LEU A 109 -16.79 9.69 -1.01
N SER A 110 -16.46 10.45 -2.06
CA SER A 110 -16.87 11.86 -1.95
C SER A 110 -18.38 11.97 -1.98
N ALA A 111 -19.01 11.35 -2.99
CA ALA A 111 -20.45 11.44 -3.13
C ALA A 111 -21.20 10.86 -1.93
N ASN A 112 -20.75 9.75 -1.38
CA ASN A 112 -21.53 9.04 -0.37
C ASN A 112 -21.09 9.34 1.05
N ARG A 113 -19.88 9.87 1.23
CA ARG A 113 -19.43 10.14 2.58
C ARG A 113 -18.68 11.45 2.70
N ALA A 114 -18.68 12.29 1.67
CA ALA A 114 -18.07 13.61 1.81
C ALA A 114 -16.60 13.54 2.19
N VAL A 115 -15.96 12.41 1.87
CA VAL A 115 -14.52 12.29 2.01
C VAL A 115 -13.79 13.10 0.95
N LYS A 116 -12.85 13.93 1.36
CA LYS A 116 -12.13 14.70 0.35
C LYS A 116 -11.42 13.77 -0.62
N PRO A 117 -11.69 13.94 -1.91
CA PRO A 117 -11.15 13.04 -2.93
C PRO A 117 -9.69 13.37 -3.26
N THR A 118 -9.20 14.53 -2.83
CA THR A 118 -7.82 14.90 -3.10
C THR A 118 -6.97 15.02 -1.84
N GLY A 119 -5.65 15.10 -2.03
CA GLY A 119 -4.78 15.35 -0.88
C GLY A 119 -4.82 14.17 0.09
N SER A 120 -4.76 12.96 -0.45
CA SER A 120 -4.86 11.74 0.32
C SER A 120 -3.50 11.11 0.58
N ALA A 121 -3.43 10.18 1.53
CA ALA A 121 -2.23 9.35 1.58
C ALA A 121 -2.55 7.91 1.21
N ALA A 122 -1.56 7.19 0.69
CA ALA A 122 -1.68 5.75 0.53
C ALA A 122 -0.51 5.12 1.31
N ILE A 123 -0.90 4.19 2.16
CA ILE A 123 0.13 3.49 2.94
C ILE A 123 0.03 2.01 2.68
N GLY A 124 1.10 1.40 2.16
CA GLY A 124 1.03 -0.03 1.88
C GLY A 124 2.17 -0.82 2.48
N LEU A 125 1.94 -2.09 2.81
CA LEU A 125 3.05 -2.92 3.28
C LEU A 125 3.26 -4.04 2.28
N SER A 126 4.49 -4.59 2.27
CA SER A 126 4.71 -5.71 1.35
C SER A 126 4.41 -5.30 -0.09
N MET A 127 3.65 -6.12 -0.80
CA MET A 127 3.23 -5.84 -2.17
C MET A 127 2.72 -4.42 -2.32
N ALA A 128 1.96 -3.90 -1.36
CA ALA A 128 1.29 -2.61 -1.52
C ALA A 128 2.21 -1.43 -1.22
N GLY A 129 3.39 -1.69 -0.65
CA GLY A 129 4.35 -0.63 -0.43
C GLY A 129 4.79 -0.01 -1.74
N SER A 130 5.20 -0.85 -2.70
CA SER A 130 5.50 -0.22 -4.00
C SER A 130 4.24 0.39 -4.59
N SER A 131 3.09 -0.26 -4.41
CA SER A 131 1.88 0.31 -5.02
C SER A 131 1.59 1.71 -4.47
N ALA A 132 1.77 1.90 -3.16
CA ALA A 132 1.51 3.24 -2.64
C ALA A 132 2.29 4.32 -3.36
N MET A 133 3.58 4.04 -3.59
CA MET A 133 4.42 5.00 -4.28
C MET A 133 4.00 5.16 -5.74
N ILE A 134 3.61 4.06 -6.39
CA ILE A 134 3.17 4.22 -7.77
C ILE A 134 1.88 5.01 -7.86
N LEU A 135 1.02 4.86 -6.86
CA LEU A 135 -0.21 5.66 -6.88
C LEU A 135 0.16 7.14 -6.79
N ALA A 136 1.10 7.48 -5.92
CA ALA A 136 1.49 8.89 -5.81
C ALA A 136 2.30 9.34 -7.04
N ALA A 137 3.10 8.44 -7.60
CA ALA A 137 3.87 8.79 -8.79
C ALA A 137 2.98 9.30 -9.91
N TYR A 138 1.87 8.58 -10.13
CA TYR A 138 1.00 8.87 -11.27
C TYR A 138 -0.24 9.65 -10.91
N HIS A 139 -0.61 9.71 -9.63
CA HIS A 139 -1.80 10.46 -9.26
C HIS A 139 -1.53 11.40 -8.09
N PRO A 140 -0.61 12.34 -8.28
CA PRO A 140 -0.12 13.20 -7.21
C PRO A 140 -1.18 14.15 -6.66
N GLN A 141 -2.20 14.47 -7.45
CA GLN A 141 -3.26 15.34 -6.93
C GLN A 141 -3.99 14.62 -5.80
N GLN A 142 -4.35 13.37 -6.11
CA GLN A 142 -5.05 12.54 -5.15
C GLN A 142 -4.12 12.13 -4.02
N PHE A 143 -2.98 11.56 -4.35
CA PHE A 143 -2.09 11.03 -3.31
C PHE A 143 -0.88 11.92 -3.13
N ILE A 144 -0.88 12.70 -2.04
CA ILE A 144 0.22 13.62 -1.79
C ILE A 144 1.21 13.04 -0.78
N TYR A 145 0.88 11.85 -0.27
CA TYR A 145 1.74 11.18 0.71
C TYR A 145 1.74 9.70 0.37
N ALA A 146 2.89 9.05 0.42
CA ALA A 146 2.92 7.60 0.19
C ALA A 146 3.77 6.92 1.24
N GLY A 147 3.21 5.92 1.92
CA GLY A 147 3.97 5.14 2.89
C GLY A 147 4.28 3.76 2.32
N SER A 148 5.52 3.29 2.43
CA SER A 148 5.90 1.98 1.89
C SER A 148 6.57 1.19 3.00
N LEU A 149 5.94 0.12 3.45
CA LEU A 149 6.47 -0.69 4.54
C LEU A 149 6.91 -2.08 4.06
N SER A 150 8.22 -2.32 4.13
CA SER A 150 8.73 -3.66 3.84
C SER A 150 8.44 -4.11 2.42
N ALA A 151 8.60 -3.18 1.46
CA ALA A 151 8.30 -3.55 0.08
C ALA A 151 9.57 -3.76 -0.74
N LEU A 152 9.45 -4.55 -1.80
CA LEU A 152 10.49 -4.69 -2.81
C LEU A 152 10.42 -3.46 -3.71
N LEU A 153 11.39 -2.56 -3.61
CA LEU A 153 11.22 -1.26 -4.27
C LEU A 153 11.85 -1.16 -5.65
N ASP A 154 12.47 -2.20 -6.16
CA ASP A 154 12.98 -2.21 -7.52
C ASP A 154 12.48 -3.42 -8.29
N PRO A 155 11.18 -3.64 -8.33
CA PRO A 155 10.65 -4.95 -8.73
C PRO A 155 10.90 -5.25 -10.20
N SER A 156 11.16 -4.23 -11.02
CA SER A 156 11.41 -4.48 -12.44
C SER A 156 12.84 -4.92 -12.70
N GLN A 157 13.72 -4.88 -11.70
CA GLN A 157 15.14 -5.12 -11.97
C GLN A 157 15.59 -6.51 -11.58
N GLY A 158 16.51 -7.05 -12.39
CA GLY A 158 17.10 -8.35 -12.21
C GLY A 158 16.14 -9.45 -11.86
N MET A 159 16.36 -10.09 -10.71
CA MET A 159 15.50 -11.18 -10.31
C MET A 159 14.09 -10.69 -9.99
N GLY A 160 13.91 -9.38 -9.85
CA GLY A 160 12.68 -8.75 -9.46
C GLY A 160 11.42 -9.38 -10.01
N PRO A 161 11.20 -9.25 -11.31
CA PRO A 161 10.04 -9.90 -11.97
C PRO A 161 9.83 -11.34 -11.55
N SER A 162 10.90 -12.14 -11.48
CA SER A 162 10.62 -13.55 -11.16
C SER A 162 10.38 -13.72 -9.67
N LEU A 163 10.94 -12.83 -8.85
CA LEU A 163 10.60 -13.01 -7.44
C LEU A 163 9.12 -12.69 -7.28
N ILE A 164 8.69 -11.61 -7.93
CA ILE A 164 7.26 -11.28 -7.89
C ILE A 164 6.42 -12.44 -8.41
N GLY A 165 6.86 -13.11 -9.49
CA GLY A 165 6.07 -14.25 -9.95
C GLY A 165 5.93 -15.32 -8.89
N LEU A 166 7.03 -15.64 -8.21
CA LEU A 166 7.01 -16.66 -7.17
C LEU A 166 6.01 -16.34 -6.07
N ALA A 167 6.05 -15.06 -5.66
CA ALA A 167 5.22 -14.67 -4.53
C ALA A 167 3.74 -14.74 -4.89
N MET A 168 3.40 -14.24 -6.07
CA MET A 168 2.01 -14.25 -6.51
C MET A 168 1.50 -15.69 -6.62
N GLY A 169 2.46 -16.56 -6.96
CA GLY A 169 2.13 -17.98 -7.09
C GLY A 169 1.85 -18.55 -5.72
N ASP A 170 2.73 -18.17 -4.77
CA ASP A 170 2.53 -18.71 -3.43
C ASP A 170 1.30 -18.09 -2.78
N ALA A 171 0.91 -16.88 -3.20
CA ALA A 171 -0.25 -16.23 -2.58
C ALA A 171 -1.46 -16.29 -3.50
N GLY A 172 -2.16 -17.44 -3.53
CA GLY A 172 -3.35 -17.48 -4.36
C GLY A 172 -3.07 -18.05 -5.73
N GLY A 173 -1.80 -18.30 -6.03
CA GLY A 173 -1.46 -18.94 -7.29
C GLY A 173 -1.80 -18.11 -8.50
N TYR A 174 -1.48 -16.82 -8.43
CA TYR A 174 -1.62 -15.96 -9.59
C TYR A 174 -0.35 -15.98 -10.44
N LYS A 175 -0.39 -15.41 -11.64
CA LYS A 175 0.80 -15.37 -12.49
C LYS A 175 1.13 -13.95 -12.93
N ALA A 176 2.37 -13.50 -12.73
CA ALA A 176 2.77 -12.13 -12.99
C ALA A 176 2.58 -11.75 -14.45
N ALA A 177 2.58 -12.75 -15.33
CA ALA A 177 2.35 -12.47 -16.75
C ALA A 177 0.97 -11.85 -16.94
N ASP A 178 -0.03 -12.32 -16.21
CA ASP A 178 -1.40 -11.82 -16.32
C ASP A 178 -1.49 -10.35 -15.93
N MET A 179 -0.56 -9.92 -15.07
CA MET A 179 -0.61 -8.58 -14.50
C MET A 179 0.15 -7.54 -15.31
N TRP A 180 1.48 -7.64 -15.36
CA TRP A 180 2.25 -6.69 -16.14
C TRP A 180 2.95 -7.33 -17.32
N GLY A 181 2.65 -8.60 -17.57
CA GLY A 181 3.15 -9.32 -18.70
C GLY A 181 4.57 -9.83 -18.52
N PRO A 182 5.18 -10.32 -19.59
CA PRO A 182 6.58 -10.79 -19.48
C PRO A 182 7.45 -9.67 -18.93
N SER A 183 8.64 -9.96 -18.40
CA SER A 183 9.48 -8.94 -17.77
C SER A 183 9.96 -7.88 -18.75
N SER A 184 9.81 -8.19 -20.03
CA SER A 184 10.15 -7.30 -21.12
C SER A 184 9.14 -6.17 -21.25
N ASP A 185 7.94 -6.43 -20.76
CA ASP A 185 6.88 -5.43 -20.95
C ASP A 185 7.18 -4.17 -20.16
N PRO A 186 6.95 -3.01 -20.77
CA PRO A 186 7.17 -1.73 -20.12
C PRO A 186 6.36 -1.53 -18.83
N ALA A 187 5.36 -2.39 -18.58
CA ALA A 187 4.53 -2.24 -17.39
C ALA A 187 5.39 -2.42 -16.15
N TRP A 188 6.45 -3.24 -16.25
CA TRP A 188 7.32 -3.47 -15.09
C TRP A 188 8.04 -2.20 -14.67
N GLU A 189 8.68 -1.52 -15.62
CA GLU A 189 9.34 -0.26 -15.31
C GLU A 189 8.37 0.79 -14.78
N ARG A 190 7.21 0.85 -15.42
CA ARG A 190 6.16 1.79 -15.03
C ARG A 190 5.74 1.65 -13.58
N ASN A 191 5.68 0.42 -13.05
CA ASN A 191 5.25 0.16 -11.69
C ASN A 191 6.41 -0.07 -10.74
N ASP A 192 7.60 0.39 -11.15
CA ASP A 192 8.78 0.26 -10.27
C ASP A 192 9.03 1.62 -9.61
N PRO A 193 8.86 1.74 -8.30
CA PRO A 193 8.92 3.04 -7.63
C PRO A 193 10.32 3.65 -7.67
N THR A 194 11.35 2.80 -7.81
CA THR A 194 12.69 3.37 -7.95
C THR A 194 12.81 4.06 -9.30
N GLN A 195 12.30 3.41 -10.34
CA GLN A 195 12.25 3.98 -11.67
C GLN A 195 11.43 5.27 -11.68
N GLN A 196 10.41 5.36 -10.83
CA GLN A 196 9.53 6.53 -10.90
C GLN A 196 9.95 7.62 -9.93
N ILE A 197 11.15 7.45 -9.38
CA ILE A 197 11.64 8.44 -8.42
C ILE A 197 11.60 9.87 -8.93
N PRO A 198 11.97 10.20 -10.16
CA PRO A 198 11.87 11.61 -10.58
C PRO A 198 10.49 12.19 -10.43
N LYS A 199 9.45 11.40 -10.72
CA LYS A 199 8.08 11.84 -10.48
C LYS A 199 7.86 12.20 -9.01
N LEU A 200 8.19 11.26 -8.14
CA LEU A 200 8.06 11.47 -6.70
C LEU A 200 8.72 12.76 -6.24
N VAL A 201 9.91 13.02 -6.80
CA VAL A 201 10.64 14.25 -6.45
C VAL A 201 9.90 15.46 -7.01
N ALA A 202 9.57 15.43 -8.30
CA ALA A 202 8.95 16.62 -8.89
C ALA A 202 7.61 16.94 -8.23
N ASN A 203 6.88 15.89 -7.84
CA ASN A 203 5.59 16.12 -7.18
C ASN A 203 5.79 16.48 -5.73
N ASN A 204 7.05 16.45 -5.28
CA ASN A 204 7.38 16.67 -3.88
C ASN A 204 6.52 15.80 -2.96
N THR A 205 6.27 14.57 -3.37
CA THR A 205 5.48 13.61 -2.61
C THR A 205 6.08 13.35 -1.24
N ARG A 206 5.27 13.46 -0.18
CA ARG A 206 5.83 13.06 1.12
C ARG A 206 5.96 11.54 1.18
N LEU A 207 7.14 11.05 1.50
CA LEU A 207 7.34 9.60 1.61
C LEU A 207 7.67 9.18 3.05
N TRP A 208 7.13 8.03 3.42
CA TRP A 208 7.46 7.31 4.65
C TRP A 208 7.89 5.91 4.21
N VAL A 209 9.19 5.68 4.28
CA VAL A 209 9.74 4.41 3.80
C VAL A 209 10.37 3.64 4.94
N TYR A 210 9.74 2.51 5.27
CA TYR A 210 10.20 1.64 6.33
C TYR A 210 10.66 0.28 5.83
N CYS A 211 11.76 -0.20 6.39
CA CYS A 211 12.10 -1.60 6.19
C CYS A 211 12.92 -2.04 7.43
N GLY A 212 12.55 -3.19 7.98
CA GLY A 212 13.22 -3.80 9.11
C GLY A 212 14.52 -4.44 8.61
N ASN A 213 15.27 -5.04 9.53
CA ASN A 213 16.55 -5.62 9.07
C ASN A 213 16.53 -7.12 9.15
N GLY A 214 15.44 -7.71 9.63
CA GLY A 214 15.34 -9.16 9.67
C GLY A 214 15.64 -9.75 11.04
N THR A 215 16.00 -8.90 12.01
CA THR A 215 16.19 -9.26 13.40
C THR A 215 14.97 -8.92 14.26
N PRO A 216 14.38 -9.95 14.85
CA PRO A 216 13.16 -9.74 15.65
C PRO A 216 13.56 -9.21 17.02
N ASN A 217 12.76 -8.31 17.59
CA ASN A 217 13.06 -7.94 18.99
C ASN A 217 11.96 -8.58 19.83
N GLU A 218 11.62 -8.00 20.97
CA GLU A 218 10.60 -8.60 21.83
C GLU A 218 9.20 -8.48 21.24
N LEU A 219 9.00 -7.66 20.21
CA LEU A 219 7.71 -7.52 19.55
C LEU A 219 7.23 -8.85 18.96
N GLY A 220 8.19 -9.72 18.68
CA GLY A 220 7.87 -11.03 18.11
C GLY A 220 8.26 -11.06 16.63
N GLY A 221 7.53 -11.87 15.90
CA GLY A 221 7.81 -12.22 14.51
C GLY A 221 9.16 -12.90 14.42
N ALA A 222 9.54 -13.64 15.47
CA ALA A 222 10.85 -14.31 15.38
C ALA A 222 10.74 -15.64 14.68
N ASN A 223 10.62 -15.59 13.34
CA ASN A 223 10.60 -16.85 12.60
C ASN A 223 11.41 -16.65 11.33
N ILE A 224 11.88 -17.73 10.74
CA ILE A 224 12.79 -17.65 9.59
C ILE A 224 12.18 -17.00 8.35
N PRO A 225 11.00 -17.39 7.91
CA PRO A 225 10.37 -16.72 6.75
C PRO A 225 10.22 -15.23 6.98
N ALA A 226 9.74 -14.84 8.16
CA ALA A 226 9.60 -13.40 8.41
C ALA A 226 10.95 -12.71 8.40
N GLU A 227 11.96 -13.37 8.96
CA GLU A 227 13.29 -12.82 9.03
C GLU A 227 13.92 -12.75 7.64
N PHE A 228 13.80 -13.83 6.88
CA PHE A 228 14.43 -13.93 5.56
C PHE A 228 13.77 -12.98 4.58
N LEU A 229 12.44 -12.88 4.66
CA LEU A 229 11.74 -11.95 3.76
C LEU A 229 12.13 -10.50 4.04
N GLU A 230 12.17 -10.10 5.31
CA GLU A 230 12.47 -8.69 5.57
C GLU A 230 13.88 -8.32 5.14
N ASN A 231 14.82 -9.24 5.40
CA ASN A 231 16.19 -8.93 5.07
C ASN A 231 16.34 -8.88 3.54
N PHE A 232 15.67 -9.81 2.89
CA PHE A 232 15.77 -9.87 1.44
C PHE A 232 15.35 -8.58 0.76
N VAL A 233 14.30 -7.90 1.24
CA VAL A 233 13.86 -6.71 0.49
C VAL A 233 14.56 -5.44 0.97
N ARG A 234 15.36 -5.58 2.03
CA ARG A 234 16.00 -4.41 2.62
C ARG A 234 16.92 -3.68 1.65
N SER A 235 17.68 -4.39 0.82
CA SER A 235 18.64 -3.62 0.01
C SER A 235 17.93 -2.72 -1.00
N SER A 236 16.81 -3.18 -1.58
CA SER A 236 16.09 -2.32 -2.51
C SER A 236 15.61 -1.05 -1.82
N ASN A 237 15.39 -1.18 -0.51
CA ASN A 237 14.94 -0.04 0.28
C ASN A 237 16.11 0.93 0.45
N LEU A 238 17.28 0.34 0.76
CA LEU A 238 18.48 1.19 0.84
C LEU A 238 18.82 1.83 -0.49
N LYS A 239 18.73 1.10 -1.59
CA LYS A 239 19.03 1.69 -2.90
C LYS A 239 18.03 2.76 -3.29
N PHE A 240 16.76 2.51 -2.91
CA PHE A 240 15.77 3.56 -3.14
C PHE A 240 16.21 4.84 -2.43
N GLN A 241 16.62 4.70 -1.16
CA GLN A 241 16.96 5.89 -0.40
C GLN A 241 18.07 6.67 -1.09
N ASP A 242 19.13 5.97 -1.49
CA ASP A 242 20.27 6.60 -2.15
C ASP A 242 19.83 7.31 -3.42
N ALA A 243 19.02 6.61 -4.24
CA ALA A 243 18.57 7.18 -5.50
C ALA A 243 17.72 8.42 -5.29
N TYR A 244 16.85 8.37 -4.28
CA TYR A 244 15.90 9.46 -4.09
C TYR A 244 16.64 10.74 -3.69
N ASN A 245 17.59 10.56 -2.77
CA ASN A 245 18.42 11.70 -2.37
C ASN A 245 19.22 12.17 -3.56
N ALA A 246 19.80 11.23 -4.30
CA ALA A 246 20.59 11.61 -5.46
C ALA A 246 19.76 12.37 -6.48
N ALA A 247 18.45 12.13 -6.51
CA ALA A 247 17.64 12.80 -7.52
C ALA A 247 17.09 14.12 -7.01
N GLY A 248 17.56 14.53 -5.83
CA GLY A 248 17.11 15.75 -5.21
C GLY A 248 15.88 15.58 -4.35
N GLY A 249 15.61 14.35 -3.91
CA GLY A 249 14.46 14.12 -3.05
C GLY A 249 14.64 14.82 -1.71
N HIS A 250 13.59 15.43 -1.19
CA HIS A 250 13.66 16.15 0.09
C HIS A 250 12.36 16.15 0.86
N ASN A 251 11.53 15.12 0.72
CA ASN A 251 10.30 15.13 1.53
C ASN A 251 9.97 13.71 1.99
N ALA A 252 11.01 13.00 2.44
CA ALA A 252 10.77 11.64 2.89
C ALA A 252 11.25 11.39 4.32
N VAL A 253 10.53 10.47 4.95
CA VAL A 253 11.04 9.86 6.17
C VAL A 253 11.57 8.45 5.89
N PHE A 254 12.86 8.21 6.11
CA PHE A 254 13.45 6.89 5.92
C PHE A 254 13.67 6.16 7.25
N ASN A 255 13.03 5.02 7.41
CA ASN A 255 12.96 4.22 8.62
C ASN A 255 13.54 2.82 8.45
N PHE A 256 14.82 2.67 8.76
CA PHE A 256 15.54 1.42 8.58
C PHE A 256 16.21 1.01 9.89
N PRO A 257 15.41 0.73 10.91
CA PRO A 257 15.97 0.42 12.22
C PRO A 257 16.77 -0.88 12.16
N PRO A 258 17.57 -1.11 13.20
CA PRO A 258 18.35 -2.34 13.30
C PRO A 258 17.49 -3.49 13.83
N ASN A 259 16.17 -3.42 13.63
CA ASN A 259 15.32 -4.55 14.01
C ASN A 259 14.17 -4.70 13.02
N GLY A 260 13.32 -5.70 13.21
CA GLY A 260 12.10 -5.77 12.44
C GLY A 260 12.03 -6.96 11.51
N THR A 261 10.94 -7.70 11.56
CA THR A 261 10.78 -8.77 10.59
C THR A 261 9.52 -8.55 9.78
N HIS A 262 9.31 -9.42 8.81
CA HIS A 262 8.17 -9.29 7.90
C HIS A 262 6.92 -9.78 8.61
N SER A 263 6.42 -8.95 9.52
CA SER A 263 5.34 -9.39 10.39
C SER A 263 4.53 -8.21 10.91
N TRP A 264 3.23 -8.42 11.06
CA TRP A 264 2.29 -7.34 11.34
C TRP A 264 2.65 -6.53 12.57
N GLU A 265 3.31 -7.15 13.55
CA GLU A 265 3.70 -6.39 14.74
C GLU A 265 4.53 -5.17 14.39
N TYR A 266 5.38 -5.34 13.38
CA TYR A 266 6.27 -4.22 13.06
C TYR A 266 5.54 -3.17 12.22
N TRP A 267 4.65 -3.62 11.35
CA TRP A 267 3.88 -2.70 10.49
C TRP A 267 2.93 -1.84 11.31
N GLY A 268 2.18 -2.47 12.21
CA GLY A 268 1.32 -1.73 13.13
C GLY A 268 2.10 -0.64 13.83
N ALA A 269 3.28 -1.00 14.34
CA ALA A 269 4.10 -0.02 15.03
C ALA A 269 4.39 1.16 14.13
N GLN A 270 4.63 0.91 12.84
CA GLN A 270 4.85 2.07 11.97
C GLN A 270 3.58 2.89 11.76
N LEU A 271 2.46 2.21 11.56
CA LEU A 271 1.23 2.98 11.29
C LEU A 271 0.91 3.90 12.45
N ASN A 272 1.15 3.33 13.63
CA ASN A 272 0.88 4.10 14.86
C ASN A 272 1.85 5.27 14.90
N ALA A 273 3.12 4.96 14.61
CA ALA A 273 4.14 6.00 14.64
C ALA A 273 3.91 7.11 13.64
N MET A 274 3.24 6.86 12.51
CA MET A 274 3.17 7.94 11.52
C MET A 274 1.92 8.79 11.54
N LYS A 275 1.04 8.63 12.51
CA LYS A 275 -0.19 9.43 12.63
C LYS A 275 0.01 10.93 12.70
N GLY A 276 0.84 11.44 13.63
CA GLY A 276 1.00 12.90 13.67
C GLY A 276 1.58 13.47 12.40
N ASP A 277 2.53 12.78 11.79
CA ASP A 277 3.08 13.16 10.50
C ASP A 277 2.00 13.21 9.44
N LEU A 278 1.11 12.22 9.47
CA LEU A 278 0.03 12.23 8.47
C LEU A 278 -0.86 13.44 8.68
N GLN A 279 -1.21 13.69 9.95
CA GLN A 279 -2.05 14.83 10.24
C GLN A 279 -1.42 16.13 9.76
N SER A 280 -0.12 16.31 10.01
CA SER A 280 0.49 17.55 9.53
C SER A 280 0.51 17.57 8.00
N SER A 281 1.03 16.49 7.41
CA SER A 281 1.17 16.53 5.95
C SER A 281 -0.17 16.66 5.25
N LEU A 282 -1.24 16.05 5.77
CA LEU A 282 -2.50 16.16 5.03
C LEU A 282 -3.40 17.29 5.51
N GLY A 283 -3.00 18.03 6.53
CA GLY A 283 -3.81 19.08 7.12
C GLY A 283 -5.01 18.56 7.90
N ALA A 284 -4.79 17.66 8.86
CA ALA A 284 -5.88 17.21 9.72
C ALA A 284 -6.07 18.19 10.88
N GLY A 285 -4.97 18.57 11.51
CA GLY A 285 -4.96 19.48 12.64
C GLY A 285 -5.75 18.96 13.83
C1 GLC B . 2.92 -11.79 5.95
C2 GLC B . 1.55 -11.85 6.61
C3 GLC B . 0.38 -11.60 5.68
C4 GLC B . 0.67 -10.49 4.69
C5 GLC B . 2.03 -10.70 4.02
C6 GLC B . 2.41 -9.58 3.07
O2 GLC B . 1.40 -13.12 7.28
O3 GLC B . -0.78 -11.19 6.41
O4 GLC B . -0.30 -10.39 3.64
O5 GLC B . 3.05 -10.70 5.06
O6 GLC B . 3.15 -10.07 1.94
C1 GLC B . 4.52 -13.09 4.83
C2 GLC B . 4.63 -14.35 3.96
C3 GLC B . 4.24 -15.59 4.78
C4 GLC B . 5.08 -15.64 6.06
C5 GLC B . 4.94 -14.32 6.83
C6 GLC B . 5.77 -14.21 8.08
O1 GLC B . 3.16 -13.01 5.27
O2 GLC B . 3.81 -14.21 2.82
O3 GLC B . 4.34 -16.78 4.03
O4 GLC B . 4.67 -16.74 6.91
O5 GLC B . 5.39 -13.27 5.96
O6 GLC B . 5.32 -13.15 8.92
C1 GLC C . 19.23 -8.22 -5.21
C2 GLC C . 19.41 -6.77 -5.63
C3 GLC C . 18.34 -5.88 -5.03
C4 GLC C . 16.96 -6.46 -5.30
C5 GLC C . 16.84 -7.90 -4.82
C6 GLC C . 15.54 -8.56 -5.23
O2 GLC C . 20.71 -6.31 -5.21
O3 GLC C . 18.31 -4.56 -5.61
O4 GLC C . 15.94 -5.72 -4.62
O5 GLC C . 17.91 -8.69 -5.40
O6 GLC C . 15.45 -8.71 -6.65
C1 GLC C . 19.23 -9.55 -3.26
C2 GLC C . 18.81 -9.32 -1.82
C3 GLC C . 20.00 -9.26 -0.85
C4 GLC C . 21.22 -9.99 -1.40
C5 GLC C . 20.90 -11.10 -2.37
C6 GLC C . 20.22 -12.31 -1.75
O1 GLC C . 19.67 -8.35 -3.87
O2 GLC C . 17.99 -8.17 -1.70
O3 GLC C . 19.65 -9.74 0.43
O4 GLC C . 22.14 -9.07 -2.05
O5 GLC C . 20.07 -10.65 -3.45
O6 GLC C . 20.05 -13.37 -2.68
C1 MPD D . 8.30 -9.09 0.02
C2 MPD D . 7.36 -9.39 -1.13
O2 MPD D . 6.48 -8.27 -1.25
CM MPD D . 6.49 -10.59 -0.81
C3 MPD D . 8.13 -9.60 -2.42
C4 MPD D . 9.21 -10.65 -2.25
O4 MPD D . 8.67 -11.97 -2.33
C5 MPD D . 10.27 -10.54 -3.33
C1 MPD E . -10.80 -10.27 14.68
C2 MPD E . -10.15 -9.56 13.50
O2 MPD E . -8.80 -9.31 13.88
CM MPD E . -10.12 -10.46 12.29
C3 MPD E . -10.88 -8.25 13.19
C4 MPD E . -10.56 -7.19 14.22
O4 MPD E . -9.80 -6.12 13.62
C5 MPD E . -11.82 -6.55 14.79
C1 MPD F . -4.60 12.37 -8.90
C2 MPD F . -4.38 12.98 -10.28
O2 MPD F . -4.42 11.90 -11.22
CM MPD F . -5.52 13.92 -10.63
C3 MPD F . -3.05 13.70 -10.35
C4 MPD F . -2.83 14.29 -11.73
O4 MPD F . -2.62 13.26 -12.71
C5 MPD F . -1.61 15.20 -11.78
O1 MES G . 10.00 19.86 7.91
C2 MES G . 8.94 19.84 6.95
C3 MES G . 9.33 18.93 5.80
N4 MES G . 10.59 19.49 5.15
C5 MES G . 11.67 19.66 6.21
C6 MES G . 11.13 20.54 7.33
C7 MES G . 11.06 18.62 4.01
C8 MES G . 10.45 17.22 4.07
S MES G . 11.63 16.08 4.74
O1S MES G . 12.92 16.37 4.13
O2S MES G . 11.16 14.73 4.38
O3S MES G . 11.64 16.27 6.19
#